data_1ZE2
#
_entry.id   1ZE2
#
_cell.length_a   134.975
_cell.length_b   134.975
_cell.length_c   139.537
_cell.angle_alpha   90.00
_cell.angle_beta   90.00
_cell.angle_gamma   90.00
#
_symmetry.space_group_name_H-M   'P 41 21 2'
#
loop_
_entity.id
_entity.type
_entity.pdbx_description
1 polymer "5'-R(*GP*GP*CP*CP*AP*CP*GP*GP*UP*(FHU)P*CP*GP*AP*AP*UP*CP*CP*GP*UP*GP*GP*C)-3'"
2 polymer 'tRNA pseudouridine synthase B'
3 water water
#
loop_
_entity_poly.entity_id
_entity_poly.type
_entity_poly.pdbx_seq_one_letter_code
_entity_poly.pdbx_strand_id
1 'polyribonucleotide' GGCCACGGU(FHU)CGAAUCCGUGGC C,D
2 'polypeptide(L)'
;MKHGILVAYKPKGPTSHDVVDEVRKKLKTRKVGHGGTLDPFACGVLIIGVNQGTRILEFYKDLKKVYWVKMRLGLITETF
DITGEVVEERECNVTEEEIREAIFSFVGEYDQVPPAYSAKKYKGERLYKLAREGKIINLPPKRVKIFKIWDVNIEGRDVS
FRVEVSPGTYIRSLCMDIGYKLGCGATAVELVRESVGPHTIEESLNVFEAAPEEIENRIIPLEKCLEWLPRVVVHQESTK
MILNGSQIHLEMLKEWDGFKKGEVVRVFNEEGRLLALAEAERNSSFLETLRKHERQERVLTLRKVFQTR
;
A,B
#
loop_
_chem_comp.id
_chem_comp.type
_chem_comp.name
_chem_comp.formula
A RNA linking ADENOSINE-5'-MONOPHOSPHATE 'C10 H14 N5 O7 P'
C RNA linking CYTIDINE-5'-MONOPHOSPHATE 'C9 H14 N3 O8 P'
FHU RNA linking (5S,6R)-5-FLUORO-6-HYDROXY-PSEUDOURIDINE-5'-MONOPHOSPHATE 'C9 H14 F N2 O10 P'
G RNA linking GUANOSINE-5'-MONOPHOSPHATE 'C10 H14 N5 O8 P'
U RNA linking URIDINE-5'-MONOPHOSPHATE 'C9 H13 N2 O9 P'
#
# COMPACT_ATOMS: atom_id res chain seq x y z
N1 FHU A 10 -4.60 5.03 -24.59
C2 FHU A 10 -5.02 6.25 -25.14
N3 FHU A 10 -6.16 6.89 -24.67
C4 FHU A 10 -6.96 6.31 -23.57
C5 FHU A 10 -6.07 5.46 -22.66
C6 FHU A 10 -5.36 4.40 -23.49
O2 FHU A 10 -4.35 6.78 -26.03
O4 FHU A 10 -7.58 7.35 -22.84
C1' FHU A 10 -5.02 6.26 -21.89
C2' FHU A 10 -5.66 7.07 -20.77
O2' FHU A 10 -5.70 8.44 -21.19
C3' FHU A 10 -4.67 6.95 -19.62
C4' FHU A 10 -4.12 5.54 -19.85
O3' FHU A 10 -3.63 7.91 -19.74
O4' FHU A 10 -4.10 5.33 -21.26
C5' FHU A 10 -4.97 4.42 -19.23
O5' FHU A 10 -4.83 4.37 -17.81
P FHU A 10 -5.49 3.13 -17.08
OP1 FHU A 10 -6.93 3.10 -17.43
OP2 FHU A 10 -4.63 1.95 -17.38
F5 FHU A 10 -6.86 4.86 -21.76
O6 FHU A 10 -6.34 3.54 -24.07
N1 FHU B 10 7.56 -11.39 34.77
C2 FHU B 10 6.76 -11.02 35.86
N3 FHU B 10 6.72 -9.70 36.29
C4 FHU B 10 7.51 -8.65 35.60
C5 FHU B 10 7.70 -9.01 34.12
C6 FHU B 10 8.35 -10.39 34.03
O2 FHU B 10 6.08 -11.88 36.44
O4 FHU B 10 6.82 -7.40 35.70
C1' FHU B 10 6.36 -9.03 33.39
C2' FHU B 10 6.00 -7.61 32.94
O2' FHU B 10 5.25 -6.97 33.96
C3' FHU B 10 5.12 -7.88 31.72
C4' FHU B 10 5.89 -9.05 31.10
O3' FHU B 10 3.84 -8.33 32.16
O4' FHU B 10 6.41 -9.81 32.19
C5' FHU B 10 7.07 -8.62 30.23
O5' FHU B 10 6.75 -8.19 28.90
P FHU B 10 7.95 -8.05 27.86
OP1 FHU B 10 8.90 -7.03 28.37
OP2 FHU B 10 8.46 -9.41 27.51
F5 FHU B 10 8.49 -8.10 33.57
O6 FHU B 10 9.66 -10.32 34.61
N MET C 1 -27.61 5.24 0.90
CA MET C 1 -26.17 5.42 0.56
C MET C 1 -25.53 4.12 0.09
N LYS C 2 -25.49 3.95 -1.23
CA LYS C 2 -24.91 2.76 -1.81
C LYS C 2 -23.38 2.87 -1.80
N HIS C 3 -22.71 1.73 -1.84
CA HIS C 3 -21.26 1.71 -1.85
C HIS C 3 -20.81 0.70 -2.89
N GLY C 4 -20.18 1.18 -3.96
CA GLY C 4 -19.70 0.27 -4.98
C GLY C 4 -19.18 0.90 -6.26
N ILE C 5 -19.14 0.08 -7.30
CA ILE C 5 -18.68 0.49 -8.61
C ILE C 5 -19.85 0.70 -9.55
N LEU C 6 -19.70 1.64 -10.48
CA LEU C 6 -20.71 1.99 -11.49
C LEU C 6 -20.09 1.99 -12.88
N VAL C 7 -20.57 1.12 -13.75
CA VAL C 7 -20.07 1.05 -15.11
C VAL C 7 -20.74 2.15 -15.91
N ALA C 8 -20.01 3.23 -16.15
CA ALA C 8 -20.50 4.40 -16.85
C ALA C 8 -20.02 4.55 -18.30
N TYR C 9 -20.68 5.43 -19.03
CA TYR C 9 -20.34 5.71 -20.41
C TYR C 9 -19.85 7.17 -20.50
N LYS C 10 -18.64 7.38 -20.99
CA LYS C 10 -18.11 8.73 -21.10
C LYS C 10 -18.28 9.16 -22.53
N PRO C 11 -19.15 10.13 -22.78
CA PRO C 11 -19.41 10.63 -24.13
C PRO C 11 -18.14 11.25 -24.68
N LYS C 12 -18.09 11.43 -25.99
CA LYS C 12 -16.93 12.04 -26.62
C LYS C 12 -16.99 13.51 -26.24
N GLY C 13 -15.94 14.03 -25.64
CA GLY C 13 -15.94 15.44 -25.29
C GLY C 13 -15.44 15.77 -23.89
N PRO C 14 -16.25 15.54 -22.86
CA PRO C 14 -15.89 15.82 -21.46
C PRO C 14 -14.76 14.95 -21.01
N THR C 15 -14.09 15.36 -19.95
CA THR C 15 -12.99 14.57 -19.40
C THR C 15 -13.49 13.53 -18.39
N SER C 16 -12.61 12.63 -17.98
CA SER C 16 -12.99 11.59 -17.05
C SER C 16 -13.50 12.16 -15.74
N HIS C 17 -12.91 13.28 -15.31
CA HIS C 17 -13.32 13.90 -14.05
C HIS C 17 -14.65 14.61 -14.24
N ASP C 18 -14.89 15.11 -15.43
CA ASP C 18 -16.15 15.79 -15.69
C ASP C 18 -17.26 14.76 -15.49
N VAL C 19 -16.89 13.48 -15.58
CA VAL C 19 -17.84 12.38 -15.44
C VAL C 19 -18.15 12.23 -13.97
N VAL C 20 -17.10 12.13 -13.19
CA VAL C 20 -17.21 12.03 -11.75
C VAL C 20 -18.09 13.16 -11.23
N ASP C 21 -17.69 14.40 -11.51
CA ASP C 21 -18.46 15.53 -11.05
C ASP C 21 -19.94 15.37 -11.37
N GLU C 22 -20.23 14.93 -12.58
CA GLU C 22 -21.62 14.73 -13.01
C GLU C 22 -22.29 13.75 -12.08
N VAL C 23 -21.57 12.68 -11.77
CA VAL C 23 -22.12 11.67 -10.89
C VAL C 23 -22.34 12.24 -9.51
N ARG C 24 -21.26 12.73 -8.91
CA ARG C 24 -21.31 13.29 -7.56
C ARG C 24 -22.31 14.42 -7.44
N LYS C 25 -22.79 14.89 -8.57
CA LYS C 25 -23.76 15.95 -8.61
C LYS C 25 -25.12 15.31 -8.44
N LYS C 26 -25.32 14.20 -9.13
CA LYS C 26 -26.57 13.47 -9.07
C LYS C 26 -26.78 12.81 -7.72
N LEU C 27 -25.76 12.12 -7.23
CA LEU C 27 -25.84 11.43 -5.95
C LEU C 27 -25.57 12.35 -4.77
N LYS C 28 -25.34 13.63 -5.03
CA LYS C 28 -25.06 14.55 -3.94
C LYS C 28 -23.99 14.05 -2.95
N THR C 29 -22.76 13.91 -3.42
CA THR C 29 -21.66 13.44 -2.57
C THR C 29 -20.33 13.96 -3.06
N ARG C 30 -19.26 13.51 -2.44
CA ARG C 30 -17.96 13.95 -2.88
C ARG C 30 -17.14 12.70 -3.02
N LYS C 31 -17.53 11.66 -2.32
CA LYS C 31 -16.80 10.43 -2.38
C LYS C 31 -17.08 9.77 -3.71
N VAL C 32 -16.44 10.27 -4.76
CA VAL C 32 -16.62 9.72 -6.10
C VAL C 32 -15.31 9.79 -6.87
N GLY C 33 -15.01 8.74 -7.62
CA GLY C 33 -13.79 8.69 -8.41
C GLY C 33 -13.89 7.65 -9.52
N HIS C 34 -12.85 7.56 -10.37
CA HIS C 34 -12.82 6.56 -11.43
C HIS C 34 -11.52 5.76 -11.32
N GLY C 35 -11.56 4.57 -11.88
CA GLY C 35 -10.43 3.68 -11.82
C GLY C 35 -9.60 3.64 -13.06
N GLY C 36 -9.62 4.70 -13.87
CA GLY C 36 -8.84 4.69 -15.08
C GLY C 36 -9.35 5.79 -15.98
N THR C 37 -8.47 6.71 -16.35
CA THR C 37 -8.87 7.85 -17.18
C THR C 37 -9.05 7.53 -18.65
N LEU C 38 -9.87 8.33 -19.31
CA LEU C 38 -10.11 8.18 -20.73
C LEU C 38 -9.90 9.56 -21.33
N ASP C 39 -9.06 9.66 -22.36
CA ASP C 39 -8.82 10.94 -22.99
C ASP C 39 -10.14 11.58 -23.37
N PRO C 40 -10.21 12.89 -23.30
CA PRO C 40 -11.46 13.53 -23.64
C PRO C 40 -12.00 13.16 -25.01
N PHE C 41 -11.12 13.05 -26.01
CA PHE C 41 -11.58 12.71 -27.36
C PHE C 41 -12.09 11.29 -27.50
N ALA C 42 -11.76 10.44 -26.53
CA ALA C 42 -12.21 9.04 -26.59
C ALA C 42 -13.55 8.88 -25.90
N CYS C 43 -14.07 7.66 -25.84
CA CYS C 43 -15.37 7.44 -25.22
C CYS C 43 -15.47 5.95 -24.91
N GLY C 44 -16.38 5.58 -23.99
CA GLY C 44 -16.54 4.18 -23.62
C GLY C 44 -16.65 3.86 -22.14
N VAL C 45 -16.24 2.66 -21.76
CA VAL C 45 -16.33 2.24 -20.37
C VAL C 45 -15.44 3.01 -19.41
N LEU C 46 -16.02 3.49 -18.32
CA LEU C 46 -15.26 4.25 -17.35
C LEU C 46 -15.76 3.81 -15.98
N ILE C 47 -14.93 3.08 -15.26
CA ILE C 47 -15.32 2.60 -13.94
C ILE C 47 -15.39 3.77 -12.97
N ILE C 48 -16.58 3.98 -12.41
CA ILE C 48 -16.79 5.05 -11.45
C ILE C 48 -17.19 4.57 -10.06
N GLY C 49 -16.36 4.87 -9.07
CA GLY C 49 -16.63 4.46 -7.68
C GLY C 49 -17.48 5.42 -6.85
N VAL C 50 -18.44 4.88 -6.11
CA VAL C 50 -19.29 5.75 -5.27
C VAL C 50 -19.07 5.44 -3.81
N ASN C 51 -18.94 6.47 -2.99
CA ASN C 51 -18.69 6.27 -1.57
C ASN C 51 -17.63 5.20 -1.27
N GLN C 52 -17.89 4.34 -0.31
CA GLN C 52 -16.87 3.37 0.00
C GLN C 52 -16.31 2.65 -1.20
N GLY C 53 -16.96 2.79 -2.36
CA GLY C 53 -16.48 2.09 -3.54
C GLY C 53 -15.18 2.61 -4.12
N THR C 54 -14.91 3.88 -3.86
CA THR C 54 -13.72 4.50 -4.37
C THR C 54 -12.53 3.72 -3.90
N ARG C 55 -12.68 3.06 -2.78
CA ARG C 55 -11.58 2.27 -2.21
C ARG C 55 -11.13 1.10 -3.05
N ILE C 56 -11.97 0.62 -3.97
CA ILE C 56 -11.54 -0.53 -4.76
C ILE C 56 -11.10 -0.19 -6.18
N LEU C 57 -11.25 1.09 -6.54
CA LEU C 57 -10.89 1.56 -7.88
C LEU C 57 -9.51 1.13 -8.31
N GLU C 58 -8.55 1.13 -7.39
CA GLU C 58 -7.19 0.75 -7.77
C GLU C 58 -7.08 -0.65 -8.39
N PHE C 59 -8.07 -1.51 -8.19
CA PHE C 59 -7.99 -2.87 -8.74
C PHE C 59 -8.39 -3.02 -10.20
N TYR C 60 -8.99 -1.98 -10.78
CA TYR C 60 -9.39 -2.06 -12.17
C TYR C 60 -8.29 -1.64 -13.14
N LYS C 61 -7.27 -0.96 -12.61
CA LYS C 61 -6.16 -0.51 -13.44
C LYS C 61 -5.36 -1.69 -13.99
N ASP C 62 -5.59 -2.87 -13.43
CA ASP C 62 -4.84 -4.04 -13.84
C ASP C 62 -5.63 -5.01 -14.73
N LEU C 63 -6.81 -4.60 -15.15
CA LEU C 63 -7.64 -5.41 -16.00
C LEU C 63 -7.33 -5.15 -17.47
N LYS C 64 -7.57 -6.14 -18.33
CA LYS C 64 -7.32 -5.97 -19.77
C LYS C 64 -8.42 -5.09 -20.29
N LYS C 65 -8.13 -4.36 -21.35
CA LYS C 65 -9.12 -3.48 -21.90
C LYS C 65 -9.31 -3.85 -23.35
N VAL C 66 -10.47 -3.48 -23.88
CA VAL C 66 -10.79 -3.73 -25.26
C VAL C 66 -11.23 -2.43 -25.92
N TYR C 67 -10.47 -1.98 -26.92
CA TYR C 67 -10.83 -0.75 -27.61
C TYR C 67 -11.08 -0.98 -29.10
N TRP C 68 -11.89 -0.11 -29.69
CA TRP C 68 -12.16 -0.10 -31.12
C TRP C 68 -11.48 1.23 -31.51
N VAL C 69 -10.49 1.21 -32.38
CA VAL C 69 -9.84 2.47 -32.72
C VAL C 69 -9.90 2.82 -34.21
N LYS C 70 -9.84 4.10 -34.53
CA LYS C 70 -9.80 4.53 -35.92
C LYS C 70 -8.72 5.61 -36.05
N MET C 71 -7.58 5.23 -36.63
CA MET C 71 -6.50 6.19 -36.82
C MET C 71 -6.56 6.66 -38.26
N ARG C 72 -5.93 7.82 -38.53
CA ARG C 72 -5.85 8.39 -39.88
C ARG C 72 -4.36 8.42 -40.30
N LEU C 73 -4.03 7.74 -41.40
CA LEU C 73 -2.65 7.70 -41.90
C LEU C 73 -2.29 9.04 -42.53
N GLY C 74 -1.02 9.40 -42.41
CA GLY C 74 -0.57 10.66 -42.97
C GLY C 74 -0.86 11.85 -42.08
N LEU C 75 -1.39 11.59 -40.89
CA LEU C 75 -1.68 12.67 -39.96
C LEU C 75 -0.81 12.53 -38.71
N ILE C 76 -0.26 13.63 -38.22
CA ILE C 76 0.55 13.54 -37.01
C ILE C 76 0.34 14.76 -36.13
N THR C 77 0.24 14.56 -34.83
CA THR C 77 0.04 15.68 -33.92
C THR C 77 0.87 15.51 -32.69
N GLU C 78 0.89 16.50 -31.83
CA GLU C 78 1.73 16.41 -30.63
C GLU C 78 1.03 15.71 -29.50
N THR C 79 -0.27 15.54 -29.65
CA THR C 79 -1.10 14.91 -28.65
C THR C 79 -1.46 13.50 -29.07
N PHE C 80 -1.04 13.11 -30.27
CA PHE C 80 -1.35 11.80 -30.80
C PHE C 80 -2.82 11.56 -31.12
N ASP C 81 -3.61 12.62 -31.24
CA ASP C 81 -5.03 12.49 -31.58
C ASP C 81 -5.42 13.70 -32.42
N ILE C 82 -6.72 13.86 -32.74
CA ILE C 82 -7.19 15.00 -33.52
C ILE C 82 -7.43 16.27 -32.73
N THR C 83 -6.99 16.32 -31.48
CA THR C 83 -7.19 17.53 -30.68
C THR C 83 -5.92 18.36 -30.60
N GLY C 84 -4.89 17.88 -31.30
CA GLY C 84 -3.60 18.55 -31.32
C GLY C 84 -3.64 19.81 -32.15
N GLU C 85 -2.92 20.83 -31.70
CA GLU C 85 -2.94 22.10 -32.41
C GLU C 85 -1.77 22.25 -33.36
N VAL C 86 -0.80 21.37 -33.25
CA VAL C 86 0.34 21.41 -34.12
C VAL C 86 0.29 20.17 -34.98
N VAL C 87 -0.36 20.29 -36.13
CA VAL C 87 -0.50 19.17 -37.05
C VAL C 87 0.52 19.18 -38.18
N GLU C 88 0.76 18.01 -38.76
CA GLU C 88 1.70 17.85 -39.86
C GLU C 88 1.12 16.82 -40.77
N GLU C 89 0.69 17.24 -41.95
CA GLU C 89 0.13 16.32 -42.91
C GLU C 89 1.30 15.70 -43.68
N ARG C 90 1.18 14.42 -44.03
CA ARG C 90 2.23 13.73 -44.76
C ARG C 90 1.60 12.89 -45.87
N GLU C 91 2.33 12.72 -46.96
CA GLU C 91 1.83 11.98 -48.11
C GLU C 91 1.84 10.49 -47.86
N CYS C 92 0.65 9.89 -47.91
CA CYS C 92 0.49 8.47 -47.69
C CYS C 92 0.28 7.65 -48.97
N ASN C 93 1.27 6.83 -49.29
CA ASN C 93 1.20 5.96 -50.46
C ASN C 93 1.70 4.57 -50.08
N VAL C 94 0.88 3.84 -49.31
CA VAL C 94 1.21 2.50 -48.86
C VAL C 94 0.07 1.59 -49.25
N THR C 95 0.40 0.32 -49.54
CA THR C 95 -0.58 -0.67 -49.97
C THR C 95 -1.32 -1.26 -48.78
N GLU C 96 -2.55 -1.66 -48.99
CA GLU C 96 -3.31 -2.23 -47.90
C GLU C 96 -2.58 -3.42 -47.30
N GLU C 97 -1.68 -4.02 -48.06
CA GLU C 97 -0.93 -5.14 -47.54
C GLU C 97 0.09 -4.61 -46.56
N GLU C 98 0.74 -3.53 -46.93
CA GLU C 98 1.75 -2.93 -46.06
C GLU C 98 1.12 -2.38 -44.77
N ILE C 99 -0.15 -2.01 -44.84
CA ILE C 99 -0.81 -1.47 -43.67
C ILE C 99 -1.13 -2.59 -42.69
N ARG C 100 -1.94 -3.55 -43.13
CA ARG C 100 -2.29 -4.68 -42.28
C ARG C 100 -1.02 -5.32 -41.74
N GLU C 101 0.02 -5.38 -42.57
CA GLU C 101 1.24 -6.00 -42.12
C GLU C 101 1.76 -5.28 -40.89
N ALA C 102 1.80 -3.95 -40.96
CA ALA C 102 2.28 -3.15 -39.85
C ALA C 102 1.39 -3.33 -38.62
N ILE C 103 0.08 -3.25 -38.84
CA ILE C 103 -0.88 -3.40 -37.77
C ILE C 103 -0.60 -4.67 -36.95
N PHE C 104 -0.64 -5.83 -37.59
CA PHE C 104 -0.41 -7.08 -36.85
C PHE C 104 1.03 -7.30 -36.43
N SER C 105 1.92 -6.46 -36.94
CA SER C 105 3.31 -6.62 -36.57
C SER C 105 3.49 -6.20 -35.12
N PHE C 106 2.41 -5.71 -34.50
CA PHE C 106 2.46 -5.26 -33.12
C PHE C 106 1.87 -6.23 -32.11
N VAL C 107 1.23 -7.28 -32.61
CA VAL C 107 0.65 -8.27 -31.72
C VAL C 107 1.78 -8.95 -30.93
N GLY C 108 1.78 -8.75 -29.62
CA GLY C 108 2.80 -9.32 -28.77
C GLY C 108 3.21 -8.28 -27.76
N GLU C 109 4.49 -8.27 -27.39
CA GLU C 109 5.02 -7.33 -26.42
C GLU C 109 6.04 -6.36 -27.02
N TYR C 110 6.01 -5.12 -26.55
CA TYR C 110 6.97 -4.11 -27.01
C TYR C 110 7.10 -2.97 -26.01
N ASP C 111 8.20 -2.22 -26.09
CA ASP C 111 8.43 -1.10 -25.17
C ASP C 111 7.82 0.19 -25.70
N GLN C 112 6.70 0.59 -25.08
CA GLN C 112 5.96 1.76 -25.46
C GLN C 112 6.31 2.99 -24.62
N VAL C 113 6.72 4.07 -25.28
CA VAL C 113 7.06 5.28 -24.57
C VAL C 113 5.77 6.03 -24.37
N PRO C 114 5.55 6.58 -23.17
CA PRO C 114 4.31 7.30 -22.92
C PRO C 114 4.26 8.65 -23.62
N PRO C 115 3.09 9.00 -24.15
CA PRO C 115 3.01 10.28 -24.82
C PRO C 115 3.24 11.46 -23.87
N ALA C 116 3.97 12.46 -24.35
CA ALA C 116 4.22 13.63 -23.52
C ALA C 116 2.93 14.14 -22.94
N TYR C 117 1.82 13.86 -23.59
CA TYR C 117 0.56 14.34 -23.06
C TYR C 117 -0.10 13.20 -22.33
N SER C 118 0.41 12.93 -21.13
CA SER C 118 -0.11 11.87 -20.29
C SER C 118 -0.17 12.42 -18.88
N ALA C 119 -0.81 11.67 -17.96
CA ALA C 119 -0.91 12.09 -16.58
C ALA C 119 0.29 11.63 -15.76
N LYS C 120 1.26 10.99 -16.40
CA LYS C 120 2.45 10.52 -15.70
C LYS C 120 3.08 11.72 -14.98
N LYS C 121 4.03 11.48 -14.10
CA LYS C 121 4.69 12.57 -13.39
C LYS C 121 6.21 12.53 -13.53
N TYR C 122 6.83 13.72 -13.46
CA TYR C 122 8.26 13.83 -13.62
C TYR C 122 8.93 14.33 -12.34
N LYS C 123 8.52 15.51 -11.89
CA LYS C 123 9.06 16.11 -10.69
C LYS C 123 7.97 16.89 -9.97
N GLY C 124 6.86 16.21 -9.67
CA GLY C 124 5.77 16.85 -8.98
C GLY C 124 4.74 17.43 -9.93
N GLU C 125 5.10 17.51 -11.20
CA GLU C 125 4.19 18.05 -12.21
C GLU C 125 3.74 16.94 -13.17
N ARG C 126 2.59 17.16 -13.80
CA ARG C 126 2.05 16.19 -14.75
C ARG C 126 2.58 16.46 -16.17
N LEU C 127 2.93 15.40 -16.89
CA LEU C 127 3.48 15.56 -18.24
C LEU C 127 2.64 16.48 -19.11
N TYR C 128 1.33 16.30 -19.11
CA TYR C 128 0.50 17.15 -19.92
C TYR C 128 0.62 18.61 -19.48
N LYS C 129 0.98 18.84 -18.24
CA LYS C 129 1.11 20.21 -17.81
C LYS C 129 2.41 20.75 -18.41
N LEU C 130 3.49 19.98 -18.25
CA LEU C 130 4.78 20.35 -18.76
C LEU C 130 4.79 20.53 -20.28
N ALA C 131 4.08 19.65 -20.98
CA ALA C 131 3.99 19.71 -22.44
C ALA C 131 3.38 21.00 -22.90
N ARG C 132 2.43 21.52 -22.12
CA ARG C 132 1.77 22.77 -22.51
C ARG C 132 2.66 23.96 -22.24
N GLU C 133 3.59 23.80 -21.29
CA GLU C 133 4.52 24.86 -20.94
C GLU C 133 5.70 24.85 -21.90
N GLY C 134 5.67 23.89 -22.81
CA GLY C 134 6.72 23.79 -23.80
C GLY C 134 7.80 22.80 -23.52
N LYS C 135 7.71 22.08 -22.41
CA LYS C 135 8.73 21.11 -22.08
C LYS C 135 8.24 19.68 -22.23
N ILE C 136 8.79 18.98 -23.20
CA ILE C 136 8.41 17.61 -23.46
C ILE C 136 9.27 16.68 -22.63
N ILE C 137 8.64 15.72 -21.95
CA ILE C 137 9.37 14.75 -21.14
C ILE C 137 9.44 13.42 -21.84
N ASN C 138 10.57 12.75 -21.72
CA ASN C 138 10.77 11.45 -22.34
C ASN C 138 11.00 10.44 -21.22
N LEU C 139 9.91 9.86 -20.71
CA LEU C 139 9.99 8.89 -19.64
C LEU C 139 10.44 7.54 -20.18
N PRO C 140 10.99 6.68 -19.30
CA PRO C 140 11.46 5.34 -19.70
C PRO C 140 10.27 4.54 -20.21
N PRO C 141 10.49 3.69 -21.23
CA PRO C 141 9.43 2.88 -21.82
C PRO C 141 8.88 1.85 -20.86
N LYS C 142 7.69 1.36 -21.20
CA LYS C 142 6.99 0.34 -20.43
C LYS C 142 6.67 -0.85 -21.35
N ARG C 143 7.13 -2.03 -20.95
CA ARG C 143 6.89 -3.24 -21.73
C ARG C 143 5.40 -3.45 -21.70
N VAL C 144 4.76 -3.15 -22.82
CA VAL C 144 3.31 -3.29 -22.95
C VAL C 144 3.05 -4.49 -23.84
N LYS C 145 1.91 -5.14 -23.66
CA LYS C 145 1.60 -6.27 -24.52
C LYS C 145 0.26 -6.15 -25.22
N ILE C 146 0.27 -6.31 -26.54
CA ILE C 146 -0.96 -6.26 -27.33
C ILE C 146 -1.41 -7.71 -27.54
N PHE C 147 -2.53 -8.11 -26.95
CA PHE C 147 -3.00 -9.49 -27.07
C PHE C 147 -3.53 -9.92 -28.43
N LYS C 148 -4.31 -9.07 -29.07
CA LYS C 148 -4.85 -9.43 -30.36
C LYS C 148 -5.51 -8.27 -31.09
N ILE C 149 -5.57 -8.36 -32.41
CA ILE C 149 -6.17 -7.33 -33.22
C ILE C 149 -7.19 -7.96 -34.15
N TRP C 150 -8.37 -7.38 -34.29
CA TRP C 150 -9.38 -7.96 -35.17
C TRP C 150 -10.29 -6.93 -35.81
N ASP C 151 -11.17 -7.36 -36.71
CA ASP C 151 -12.05 -6.42 -37.41
C ASP C 151 -11.33 -5.22 -38.01
N VAL C 152 -10.21 -5.47 -38.68
CA VAL C 152 -9.46 -4.40 -39.32
C VAL C 152 -10.23 -3.94 -40.53
N ASN C 153 -10.40 -2.62 -40.67
CA ASN C 153 -11.15 -2.06 -41.76
C ASN C 153 -10.39 -0.86 -42.30
N ILE C 154 -10.00 -0.96 -43.58
CA ILE C 154 -9.25 0.10 -44.26
C ILE C 154 -10.05 0.85 -45.32
N GLU C 155 -10.13 2.17 -45.15
CA GLU C 155 -10.84 3.06 -46.06
C GLU C 155 -9.93 4.22 -46.44
N GLY C 156 -9.23 4.07 -47.55
CA GLY C 156 -8.37 5.15 -47.97
C GLY C 156 -7.28 5.38 -46.97
N ARG C 157 -7.38 6.46 -46.21
CA ARG C 157 -6.35 6.76 -45.24
C ARG C 157 -6.83 6.60 -43.80
N ASP C 158 -8.10 6.24 -43.64
CA ASP C 158 -8.67 6.03 -42.33
C ASP C 158 -8.70 4.55 -41.98
N VAL C 159 -7.70 4.11 -41.24
CA VAL C 159 -7.64 2.71 -40.82
C VAL C 159 -8.37 2.56 -39.49
N SER C 160 -9.02 1.43 -39.30
CA SER C 160 -9.74 1.19 -38.05
C SER C 160 -9.63 -0.29 -37.66
N PHE C 161 -9.65 -0.58 -36.37
CA PHE C 161 -9.57 -1.95 -35.92
C PHE C 161 -9.85 -2.07 -34.44
N ARG C 162 -10.05 -3.29 -33.97
CA ARG C 162 -10.34 -3.54 -32.56
C ARG C 162 -9.09 -4.12 -31.96
N VAL C 163 -8.87 -3.91 -30.66
CA VAL C 163 -7.67 -4.48 -30.06
C VAL C 163 -7.82 -4.69 -28.57
N GLU C 164 -7.16 -5.70 -28.06
CA GLU C 164 -7.21 -6.02 -26.65
C GLU C 164 -5.78 -5.85 -26.16
N VAL C 165 -5.58 -4.96 -25.20
CA VAL C 165 -4.24 -4.73 -24.71
C VAL C 165 -4.09 -4.82 -23.18
N SER C 166 -2.87 -5.07 -22.72
CA SER C 166 -2.57 -5.19 -21.30
C SER C 166 -2.74 -3.83 -20.66
N PRO C 167 -2.82 -3.80 -19.31
CA PRO C 167 -2.99 -2.52 -18.59
C PRO C 167 -1.83 -1.53 -18.77
N GLY C 168 -2.18 -0.25 -18.80
CA GLY C 168 -1.17 0.78 -18.96
C GLY C 168 -0.73 1.09 -20.39
N THR C 169 -1.40 0.47 -21.36
CA THR C 169 -1.09 0.68 -22.76
C THR C 169 -1.82 1.85 -23.36
N TYR C 170 -1.09 2.68 -24.10
CA TYR C 170 -1.66 3.86 -24.75
C TYR C 170 -1.98 3.58 -26.23
N ILE C 171 -3.25 3.67 -26.58
CA ILE C 171 -3.70 3.44 -27.95
C ILE C 171 -3.21 4.57 -28.83
N ARG C 172 -2.92 5.70 -28.22
CA ARG C 172 -2.40 6.83 -28.99
C ARG C 172 -1.01 6.46 -29.42
N SER C 173 -0.21 5.92 -28.50
CA SER C 173 1.14 5.53 -28.85
C SER C 173 1.13 4.37 -29.84
N LEU C 174 0.19 3.46 -29.66
CA LEU C 174 0.09 2.31 -30.54
C LEU C 174 -0.04 2.81 -31.96
N CYS C 175 -0.97 3.73 -32.20
CA CYS C 175 -1.20 4.27 -33.55
C CYS C 175 0.01 5.02 -34.09
N MET C 176 0.58 5.90 -33.26
CA MET C 176 1.76 6.65 -33.65
C MET C 176 2.87 5.67 -34.09
N ASP C 177 3.01 4.57 -33.36
CA ASP C 177 4.06 3.60 -33.68
C ASP C 177 3.76 2.86 -34.99
N ILE C 178 2.50 2.61 -35.26
CA ILE C 178 2.12 1.92 -36.47
C ILE C 178 2.32 2.87 -37.64
N GLY C 179 2.08 4.14 -37.38
CA GLY C 179 2.24 5.13 -38.45
C GLY C 179 3.69 5.36 -38.79
N TYR C 180 4.55 5.08 -37.82
CA TYR C 180 5.98 5.24 -37.97
C TYR C 180 6.46 4.05 -38.79
N LYS C 181 6.13 2.86 -38.33
CA LYS C 181 6.50 1.64 -39.03
C LYS C 181 6.12 1.76 -40.50
N LEU C 182 5.02 2.45 -40.77
CA LEU C 182 4.52 2.65 -42.13
C LEU C 182 5.14 3.87 -42.81
N GLY C 183 5.94 4.62 -42.05
CA GLY C 183 6.59 5.80 -42.59
C GLY C 183 5.71 7.00 -42.87
N CYS C 184 4.41 6.80 -43.06
CA CYS C 184 3.52 7.93 -43.33
C CYS C 184 3.00 8.65 -42.07
N GLY C 185 3.13 8.01 -40.91
CA GLY C 185 2.65 8.61 -39.69
C GLY C 185 1.19 8.24 -39.48
N ALA C 186 0.72 8.34 -38.24
CA ALA C 186 -0.65 7.99 -37.88
C ALA C 186 -1.10 8.79 -36.65
N THR C 187 -2.41 8.90 -36.49
CA THR C 187 -2.97 9.67 -35.38
C THR C 187 -4.31 9.07 -35.13
N ALA C 188 -4.61 8.88 -33.85
CA ALA C 188 -5.88 8.33 -33.41
C ALA C 188 -6.91 9.43 -33.53
N VAL C 189 -8.02 9.12 -34.19
CA VAL C 189 -9.09 10.07 -34.42
C VAL C 189 -10.36 9.73 -33.63
N GLU C 190 -10.64 8.44 -33.53
CA GLU C 190 -11.79 7.93 -32.78
C GLU C 190 -11.24 6.80 -31.91
N LEU C 191 -11.67 6.76 -30.65
CA LEU C 191 -11.21 5.72 -29.73
C LEU C 191 -12.41 5.35 -28.90
N VAL C 192 -12.73 4.06 -28.86
CA VAL C 192 -13.88 3.62 -28.08
C VAL C 192 -13.54 2.42 -27.23
N ARG C 193 -13.46 2.63 -25.92
CA ARG C 193 -13.14 1.53 -25.02
C ARG C 193 -14.40 0.71 -24.80
N GLU C 194 -14.41 -0.48 -25.39
CA GLU C 194 -15.54 -1.36 -25.32
C GLU C 194 -15.61 -2.12 -24.02
N SER C 195 -14.49 -2.27 -23.36
CA SER C 195 -14.55 -2.97 -22.10
C SER C 195 -13.33 -2.86 -21.23
N VAL C 196 -13.54 -3.01 -19.92
CA VAL C 196 -12.47 -2.99 -18.95
C VAL C 196 -12.78 -4.26 -18.21
N GLY C 197 -11.87 -5.22 -18.26
CA GLY C 197 -12.14 -6.49 -17.59
C GLY C 197 -13.43 -7.09 -18.14
N PRO C 198 -14.42 -7.38 -17.28
CA PRO C 198 -15.68 -7.95 -17.75
C PRO C 198 -16.77 -6.89 -17.91
N HIS C 199 -16.40 -5.64 -17.75
CA HIS C 199 -17.40 -4.59 -17.87
C HIS C 199 -17.50 -4.02 -19.27
N THR C 200 -18.55 -4.41 -19.98
CA THR C 200 -18.76 -3.98 -21.35
C THR C 200 -19.35 -2.59 -21.44
N ILE C 201 -19.45 -2.09 -22.66
CA ILE C 201 -20.02 -0.79 -22.89
C ILE C 201 -21.53 -1.00 -22.97
N GLU C 202 -21.95 -2.25 -23.07
CA GLU C 202 -23.38 -2.53 -23.14
C GLU C 202 -23.97 -2.43 -21.75
N GLU C 203 -23.18 -2.86 -20.77
CA GLU C 203 -23.54 -2.83 -19.36
C GLU C 203 -23.32 -1.42 -18.82
N SER C 204 -22.90 -0.52 -19.70
CA SER C 204 -22.59 0.84 -19.28
C SER C 204 -23.81 1.74 -19.29
N LEU C 205 -23.68 2.90 -18.63
CA LEU C 205 -24.76 3.88 -18.52
C LEU C 205 -24.17 5.26 -18.71
N ASN C 206 -24.87 6.12 -19.45
CA ASN C 206 -24.44 7.48 -19.72
C ASN C 206 -24.95 8.35 -18.61
N VAL C 207 -24.15 8.44 -17.57
CA VAL C 207 -24.52 9.21 -16.40
C VAL C 207 -25.02 10.60 -16.71
N PHE C 208 -24.61 11.16 -17.84
CA PHE C 208 -25.02 12.50 -18.25
C PHE C 208 -26.48 12.60 -18.70
N GLU C 209 -27.07 11.46 -19.07
CA GLU C 209 -28.44 11.46 -19.53
C GLU C 209 -29.38 10.73 -18.59
N ALA C 210 -28.87 10.23 -17.47
CA ALA C 210 -29.71 9.49 -16.53
C ALA C 210 -30.05 10.31 -15.32
N ALA C 211 -31.09 9.89 -14.61
CA ALA C 211 -31.50 10.57 -13.39
C ALA C 211 -30.92 9.84 -12.19
N PRO C 212 -30.84 10.52 -11.04
CA PRO C 212 -30.29 9.93 -9.82
C PRO C 212 -30.73 8.49 -9.59
N GLU C 213 -32.04 8.28 -9.54
CA GLU C 213 -32.56 6.95 -9.32
C GLU C 213 -31.86 5.97 -10.24
N GLU C 214 -31.97 6.22 -11.54
CA GLU C 214 -31.38 5.36 -12.56
C GLU C 214 -29.92 5.07 -12.28
N ILE C 215 -29.19 6.10 -11.84
CA ILE C 215 -27.78 5.92 -11.54
C ILE C 215 -27.62 5.09 -10.29
N GLU C 216 -28.42 5.37 -9.28
CA GLU C 216 -28.31 4.61 -8.05
C GLU C 216 -28.48 3.11 -8.26
N ASN C 217 -29.56 2.73 -8.92
CA ASN C 217 -29.84 1.33 -9.14
C ASN C 217 -28.75 0.56 -9.85
N ARG C 218 -28.03 1.24 -10.74
CA ARG C 218 -26.98 0.61 -11.51
C ARG C 218 -25.68 0.46 -10.74
N ILE C 219 -25.67 0.87 -9.47
CA ILE C 219 -24.45 0.72 -8.69
C ILE C 219 -24.33 -0.69 -8.18
N ILE C 220 -23.17 -1.29 -8.36
CA ILE C 220 -22.92 -2.66 -7.92
C ILE C 220 -22.34 -2.60 -6.51
N PRO C 221 -22.93 -3.35 -5.56
CA PRO C 221 -22.49 -3.42 -4.15
C PRO C 221 -21.14 -4.10 -3.95
N LEU C 222 -20.32 -3.51 -3.08
CA LEU C 222 -19.01 -4.06 -2.81
C LEU C 222 -18.93 -5.58 -2.87
N GLU C 223 -20.01 -6.27 -2.51
CA GLU C 223 -19.98 -7.73 -2.51
C GLU C 223 -19.83 -8.31 -3.90
N LYS C 224 -20.69 -7.81 -4.78
CA LYS C 224 -20.71 -8.20 -6.17
C LYS C 224 -19.55 -7.65 -7.00
N CYS C 225 -18.77 -6.72 -6.45
CA CYS C 225 -17.63 -6.16 -7.19
C CYS C 225 -16.44 -7.07 -7.24
N LEU C 226 -15.44 -6.70 -8.04
CA LEU C 226 -14.24 -7.51 -8.16
C LEU C 226 -14.53 -9.00 -8.28
N GLU C 227 -15.53 -9.37 -9.07
CA GLU C 227 -15.89 -10.79 -9.26
C GLU C 227 -14.68 -11.71 -9.42
N TRP C 228 -13.61 -11.25 -10.07
CA TRP C 228 -12.41 -12.07 -10.21
C TRP C 228 -11.82 -12.09 -8.80
N LEU C 229 -10.55 -12.45 -8.65
CA LEU C 229 -9.97 -12.46 -7.29
C LEU C 229 -10.58 -13.55 -6.40
N PRO C 230 -9.72 -14.25 -5.65
CA PRO C 230 -10.13 -15.32 -4.74
C PRO C 230 -10.98 -14.85 -3.56
N ARG C 231 -12.01 -15.60 -3.21
CA ARG C 231 -12.85 -15.21 -2.08
C ARG C 231 -12.88 -16.28 -0.98
N VAL C 232 -12.54 -15.88 0.24
CA VAL C 232 -12.56 -16.81 1.35
C VAL C 232 -13.68 -16.40 2.29
N VAL C 233 -14.18 -17.34 3.07
CA VAL C 233 -15.25 -17.04 4.02
C VAL C 233 -14.76 -17.30 5.45
N VAL C 234 -15.20 -16.51 6.41
CA VAL C 234 -14.77 -16.72 7.79
C VAL C 234 -15.96 -16.93 8.72
N HIS C 235 -15.80 -17.77 9.73
CA HIS C 235 -16.88 -18.01 10.69
C HIS C 235 -17.43 -16.69 11.25
N GLN C 236 -18.73 -16.53 11.14
CA GLN C 236 -19.42 -15.34 11.62
C GLN C 236 -18.84 -14.72 12.91
N GLU C 237 -18.19 -15.50 13.76
CA GLU C 237 -17.63 -14.95 14.99
C GLU C 237 -16.47 -14.01 14.72
N SER C 238 -15.47 -14.49 14.00
CA SER C 238 -14.28 -13.70 13.70
C SER C 238 -14.53 -12.36 13.01
N THR C 239 -15.77 -12.11 12.59
CA THR C 239 -16.06 -10.86 11.91
C THR C 239 -15.64 -9.66 12.74
N LYS C 240 -16.21 -9.52 13.94
CA LYS C 240 -15.90 -8.37 14.78
C LYS C 240 -14.41 -8.13 14.90
N MET C 241 -13.64 -9.21 14.94
CA MET C 241 -12.17 -9.11 15.02
C MET C 241 -11.63 -8.34 13.83
N ILE C 242 -11.89 -8.88 12.64
CA ILE C 242 -11.45 -8.29 11.38
C ILE C 242 -11.84 -6.81 11.25
N LEU C 243 -13.09 -6.48 11.53
CA LEU C 243 -13.53 -5.10 11.42
C LEU C 243 -12.81 -4.17 12.40
N ASN C 244 -11.85 -4.71 13.13
CA ASN C 244 -11.08 -3.95 14.11
C ASN C 244 -9.65 -4.38 13.94
N GLY C 245 -9.03 -3.98 12.83
CA GLY C 245 -7.65 -4.39 12.57
C GLY C 245 -7.63 -5.91 12.62
N SER C 246 -6.61 -6.50 13.21
CA SER C 246 -6.56 -7.95 13.31
C SER C 246 -6.36 -8.70 12.01
N GLN C 247 -5.21 -9.33 11.87
CA GLN C 247 -4.95 -10.08 10.67
C GLN C 247 -5.83 -11.31 10.68
N ILE C 248 -5.82 -12.07 9.59
CA ILE C 248 -6.63 -13.25 9.48
C ILE C 248 -5.77 -14.49 9.66
N HIS C 249 -6.27 -15.45 10.43
CA HIS C 249 -5.54 -16.70 10.67
C HIS C 249 -6.35 -17.94 10.26
N LEU C 250 -5.65 -19.07 10.16
CA LEU C 250 -6.23 -20.35 9.77
C LEU C 250 -7.51 -20.71 10.51
N GLU C 251 -7.52 -20.46 11.80
CA GLU C 251 -8.67 -20.80 12.62
C GLU C 251 -9.86 -19.85 12.41
N MET C 252 -9.68 -18.86 11.54
CA MET C 252 -10.74 -17.91 11.25
C MET C 252 -11.39 -18.21 9.92
N LEU C 253 -10.69 -18.96 9.08
CA LEU C 253 -11.22 -19.29 7.77
C LEU C 253 -12.14 -20.49 7.83
N LYS C 254 -13.14 -20.50 6.95
CA LYS C 254 -14.12 -21.58 6.85
C LYS C 254 -14.03 -22.25 5.47
N GLU C 255 -13.68 -21.46 4.45
CA GLU C 255 -13.52 -21.95 3.09
C GLU C 255 -12.28 -21.33 2.45
N TRP C 256 -11.56 -22.12 1.66
CA TRP C 256 -10.32 -21.67 1.05
C TRP C 256 -10.35 -21.02 -0.33
N ASP C 257 -10.57 -21.81 -1.38
CA ASP C 257 -10.55 -21.31 -2.75
C ASP C 257 -9.12 -20.89 -3.08
N GLY C 258 -8.33 -21.87 -3.52
CA GLY C 258 -6.93 -21.63 -3.83
C GLY C 258 -6.54 -20.27 -4.33
N PHE C 259 -5.33 -19.83 -3.96
CA PHE C 259 -4.79 -18.56 -4.39
C PHE C 259 -3.27 -18.53 -4.32
N LYS C 260 -2.68 -17.41 -4.75
CA LYS C 260 -1.23 -17.26 -4.77
C LYS C 260 -0.64 -16.68 -3.51
N LYS C 261 0.43 -15.91 -3.67
CA LYS C 261 1.11 -15.28 -2.54
C LYS C 261 0.57 -13.88 -2.32
N GLY C 262 1.26 -12.88 -2.86
CA GLY C 262 0.82 -11.51 -2.69
C GLY C 262 -0.47 -11.20 -3.42
N GLU C 263 -1.17 -12.25 -3.83
CA GLU C 263 -2.45 -12.12 -4.56
C GLU C 263 -3.56 -11.63 -3.66
N VAL C 264 -4.29 -10.63 -4.15
CA VAL C 264 -5.40 -10.06 -3.39
C VAL C 264 -6.50 -11.08 -3.22
N VAL C 265 -7.15 -11.04 -2.06
CA VAL C 265 -8.23 -11.97 -1.75
C VAL C 265 -9.43 -11.27 -1.13
N ARG C 266 -10.62 -11.73 -1.48
CA ARG C 266 -11.84 -11.16 -0.94
C ARG C 266 -12.22 -11.92 0.32
N VAL C 267 -12.59 -11.19 1.37
CA VAL C 267 -12.97 -11.82 2.63
C VAL C 267 -14.44 -11.66 3.00
N PHE C 268 -15.18 -12.77 2.92
CA PHE C 268 -16.58 -12.77 3.28
C PHE C 268 -16.85 -13.51 4.61
N ASN C 269 -17.83 -13.01 5.36
CA ASN C 269 -18.22 -13.64 6.62
C ASN C 269 -19.32 -14.59 6.21
N GLU C 270 -20.07 -15.11 7.18
CA GLU C 270 -21.11 -16.06 6.86
C GLU C 270 -22.41 -15.44 6.41
N GLU C 271 -22.79 -14.33 7.01
CA GLU C 271 -24.04 -13.70 6.62
C GLU C 271 -23.96 -13.15 5.22
N GLY C 272 -22.84 -13.37 4.55
CA GLY C 272 -22.69 -12.90 3.19
C GLY C 272 -22.38 -11.42 3.08
N ARG C 273 -21.28 -11.01 3.71
CA ARG C 273 -20.86 -9.61 3.69
C ARG C 273 -19.35 -9.45 3.38
N LEU C 274 -19.00 -8.49 2.53
CA LEU C 274 -17.60 -8.28 2.23
C LEU C 274 -17.01 -7.59 3.44
N LEU C 275 -16.03 -8.22 4.07
CA LEU C 275 -15.44 -7.64 5.25
C LEU C 275 -14.18 -6.86 4.89
N ALA C 276 -13.37 -7.46 4.04
CA ALA C 276 -12.15 -6.81 3.65
C ALA C 276 -11.43 -7.54 2.53
N LEU C 277 -10.48 -6.82 1.93
CA LEU C 277 -9.65 -7.36 0.87
C LEU C 277 -8.31 -7.57 1.56
N ALA C 278 -7.70 -8.73 1.36
CA ALA C 278 -6.43 -8.97 1.99
C ALA C 278 -5.46 -9.75 1.11
N GLU C 279 -4.17 -9.47 1.26
CA GLU C 279 -3.13 -10.14 0.50
C GLU C 279 -2.70 -11.43 1.21
N ALA C 280 -2.60 -12.51 0.47
CA ALA C 280 -2.20 -13.79 1.06
C ALA C 280 -0.75 -13.70 1.55
N GLU C 281 -0.41 -14.59 2.47
CA GLU C 281 0.93 -14.63 3.03
C GLU C 281 1.51 -16.00 2.74
N ARG C 282 0.71 -16.84 2.11
CA ARG C 282 1.15 -18.19 1.76
C ARG C 282 0.58 -18.62 0.42
N ASN C 283 0.17 -19.89 0.32
CA ASN C 283 -0.38 -20.40 -0.91
C ASN C 283 -1.83 -20.82 -0.65
N SER C 284 -2.07 -22.13 -0.57
CA SER C 284 -3.41 -22.65 -0.32
C SER C 284 -3.36 -24.13 0.04
N SER C 285 -2.67 -24.41 1.15
CA SER C 285 -2.52 -25.79 1.63
C SER C 285 -2.59 -25.88 3.16
N PHE C 286 -2.82 -27.09 3.66
CA PHE C 286 -2.90 -27.34 5.10
C PHE C 286 -1.51 -27.32 5.74
N ARG C 295 -1.05 -24.61 15.10
CA ARG C 295 -0.71 -23.79 13.94
C ARG C 295 -1.72 -22.67 13.67
N GLN C 296 -1.31 -21.43 13.92
CA GLN C 296 -2.17 -20.28 13.69
C GLN C 296 -1.46 -19.22 12.87
N GLU C 297 -0.52 -19.66 12.05
CA GLU C 297 0.25 -18.76 11.20
C GLU C 297 -0.67 -17.86 10.36
N ARG C 298 -0.41 -16.56 10.42
CA ARG C 298 -1.20 -15.60 9.66
C ARG C 298 -1.18 -16.04 8.20
N VAL C 299 -2.30 -16.53 7.68
CA VAL C 299 -2.35 -16.98 6.30
C VAL C 299 -2.75 -15.87 5.34
N LEU C 300 -3.35 -14.81 5.87
CA LEU C 300 -3.77 -13.67 5.05
C LEU C 300 -3.54 -12.38 5.82
N THR C 301 -3.01 -11.36 5.16
CA THR C 301 -2.75 -10.08 5.82
C THR C 301 -3.69 -9.05 5.23
N LEU C 302 -4.41 -8.34 6.11
CA LEU C 302 -5.35 -7.34 5.65
C LEU C 302 -4.69 -6.41 4.68
N ARG C 303 -5.51 -5.89 3.76
CA ARG C 303 -5.06 -4.98 2.72
C ARG C 303 -6.04 -3.81 2.67
N LYS C 304 -7.20 -4.00 3.28
CA LYS C 304 -8.20 -2.95 3.30
C LYS C 304 -9.43 -3.53 4.01
N VAL C 305 -10.03 -2.76 4.92
CA VAL C 305 -11.23 -3.22 5.65
C VAL C 305 -12.42 -2.30 5.38
N PHE C 306 -13.62 -2.88 5.27
CA PHE C 306 -14.80 -2.07 4.98
C PHE C 306 -15.80 -1.93 6.12
N GLN C 307 -16.06 -0.69 6.53
CA GLN C 307 -17.00 -0.38 7.62
C GLN C 307 -18.30 0.16 7.03
N THR C 308 -18.80 -0.54 6.02
CA THR C 308 -20.03 -0.16 5.32
C THR C 308 -21.15 0.15 6.30
N MET D 1 15.68 19.56 21.84
CA MET D 1 14.74 18.40 21.93
C MET D 1 15.49 17.12 21.62
N LYS D 2 15.51 16.20 22.59
CA LYS D 2 16.21 14.94 22.43
C LYS D 2 15.31 13.81 21.96
N HIS D 3 15.46 13.42 20.70
CA HIS D 3 14.67 12.33 20.14
C HIS D 3 15.42 11.02 20.33
N GLY D 4 14.71 9.95 20.74
CA GLY D 4 15.39 8.67 20.89
C GLY D 4 15.04 7.71 22.02
N ILE D 5 16.05 6.97 22.45
CA ILE D 5 15.95 5.98 23.51
C ILE D 5 16.84 6.30 24.74
N LEU D 6 16.38 5.89 25.92
CA LEU D 6 17.11 6.14 27.14
C LEU D 6 16.86 5.07 28.19
N VAL D 7 17.86 4.20 28.36
CA VAL D 7 17.80 3.12 29.31
C VAL D 7 17.66 3.70 30.71
N ALA D 8 16.70 3.15 31.46
CA ALA D 8 16.44 3.63 32.80
C ALA D 8 16.32 2.52 33.84
N TYR D 9 16.40 2.92 35.11
CA TYR D 9 16.27 2.02 36.25
C TYR D 9 14.90 2.30 36.86
N LYS D 10 14.29 1.28 37.46
CA LYS D 10 12.98 1.43 38.08
C LYS D 10 12.93 0.87 39.50
N PRO D 11 13.22 1.71 40.50
CA PRO D 11 13.22 1.32 41.91
C PRO D 11 11.98 0.53 42.29
N LYS D 12 12.04 -0.16 43.42
CA LYS D 12 10.92 -0.95 43.91
C LYS D 12 9.84 -0.04 44.51
N GLY D 13 8.62 -0.18 43.99
CA GLY D 13 7.52 0.62 44.48
C GLY D 13 6.72 1.24 43.36
N PRO D 14 7.35 2.08 42.53
CA PRO D 14 6.70 2.76 41.40
C PRO D 14 6.36 1.85 40.22
N THR D 15 5.22 2.11 39.59
CA THR D 15 4.78 1.34 38.42
C THR D 15 5.63 1.75 37.23
N SER D 16 5.62 0.94 36.19
CA SER D 16 6.41 1.25 35.01
C SER D 16 6.02 2.61 34.42
N HIS D 17 4.73 2.95 34.49
CA HIS D 17 4.29 4.23 33.93
C HIS D 17 4.66 5.39 34.82
N ASP D 18 5.10 5.09 36.04
CA ASP D 18 5.51 6.14 36.98
C ASP D 18 6.78 6.75 36.45
N VAL D 19 7.65 5.91 35.91
CA VAL D 19 8.91 6.37 35.34
C VAL D 19 8.58 7.32 34.20
N VAL D 20 7.69 6.89 33.30
CA VAL D 20 7.27 7.71 32.16
C VAL D 20 6.89 9.12 32.60
N ASP D 21 6.00 9.23 33.58
CA ASP D 21 5.60 10.54 34.07
C ASP D 21 6.84 11.30 34.54
N GLU D 22 7.74 10.62 35.24
CA GLU D 22 8.96 11.26 35.73
C GLU D 22 9.80 11.78 34.56
N VAL D 23 9.72 11.08 33.44
CA VAL D 23 10.47 11.47 32.24
C VAL D 23 9.84 12.67 31.57
N ARG D 24 8.56 12.55 31.22
CA ARG D 24 7.86 13.62 30.55
C ARG D 24 7.82 14.89 31.41
N LYS D 25 8.25 14.75 32.67
CA LYS D 25 8.28 15.88 33.61
C LYS D 25 9.54 16.70 33.42
N LYS D 26 10.69 16.05 33.60
CA LYS D 26 11.97 16.70 33.44
C LYS D 26 12.13 17.22 32.03
N LEU D 27 12.13 16.32 31.05
CA LEU D 27 12.26 16.73 29.65
C LEU D 27 11.08 17.58 29.17
N LYS D 28 9.99 17.56 29.93
CA LYS D 28 8.80 18.33 29.58
C LYS D 28 8.23 17.95 28.23
N THR D 29 7.85 16.68 28.07
CA THR D 29 7.30 16.18 26.81
C THR D 29 6.37 14.99 27.02
N ARG D 30 5.13 15.12 26.56
CA ARG D 30 4.17 14.02 26.65
C ARG D 30 4.67 12.87 25.77
N LYS D 31 5.46 13.20 24.75
CA LYS D 31 6.01 12.18 23.85
C LYS D 31 6.98 11.25 24.56
N VAL D 32 6.43 10.40 25.43
CA VAL D 32 7.20 9.40 26.18
C VAL D 32 6.36 8.14 26.48
N GLY D 33 6.91 6.97 26.15
CA GLY D 33 6.25 5.70 26.42
C GLY D 33 7.35 4.70 26.68
N HIS D 34 7.06 3.62 27.42
CA HIS D 34 8.11 2.62 27.66
C HIS D 34 8.00 1.43 26.70
N GLY D 35 9.13 0.97 26.18
CA GLY D 35 9.16 -0.16 25.27
C GLY D 35 9.19 -1.51 25.97
N GLY D 36 8.25 -1.73 26.87
CA GLY D 36 8.20 -2.99 27.61
C GLY D 36 7.76 -2.83 29.05
N THR D 37 6.55 -3.27 29.37
CA THR D 37 6.04 -3.15 30.72
C THR D 37 6.83 -3.92 31.81
N LEU D 38 7.03 -3.29 32.98
CA LEU D 38 7.76 -3.93 34.07
C LEU D 38 7.00 -3.65 35.37
N ASP D 39 6.84 -4.67 36.22
CA ASP D 39 6.07 -4.51 37.46
C ASP D 39 6.66 -3.56 38.48
N PRO D 40 5.85 -3.18 39.48
CA PRO D 40 6.24 -2.28 40.57
C PRO D 40 7.38 -2.79 41.44
N PHE D 41 7.07 -3.75 42.30
CA PHE D 41 8.07 -4.31 43.20
C PHE D 41 9.29 -4.82 42.44
N ALA D 42 9.17 -4.95 41.13
CA ALA D 42 10.27 -5.46 40.33
C ALA D 42 11.13 -4.35 39.74
N CYS D 43 12.31 -4.14 40.33
CA CYS D 43 13.24 -3.11 39.87
C CYS D 43 14.12 -3.60 38.72
N GLY D 44 14.76 -2.69 37.99
CA GLY D 44 15.62 -3.12 36.91
C GLY D 44 15.73 -2.14 35.78
N VAL D 45 15.84 -2.65 34.55
CA VAL D 45 15.95 -1.80 33.37
C VAL D 45 14.63 -1.67 32.63
N LEU D 46 14.30 -0.44 32.23
CA LEU D 46 13.05 -0.14 31.51
C LEU D 46 13.39 0.70 30.29
N ILE D 47 12.96 0.26 29.12
CA ILE D 47 13.24 1.02 27.92
C ILE D 47 12.35 2.25 27.89
N ILE D 48 12.84 3.32 27.29
CA ILE D 48 12.11 4.57 27.19
C ILE D 48 12.36 5.31 25.89
N GLY D 49 11.29 5.62 25.16
CA GLY D 49 11.39 6.33 23.90
C GLY D 49 11.01 7.79 24.07
N VAL D 50 11.94 8.70 23.80
CA VAL D 50 11.70 10.14 23.94
C VAL D 50 11.43 10.80 22.58
N ASN D 51 10.25 11.39 22.46
CA ASN D 51 9.83 12.07 21.23
C ASN D 51 9.85 11.11 20.05
N GLN D 52 10.60 11.42 19.00
CA GLN D 52 10.68 10.54 17.85
C GLN D 52 11.13 9.12 18.24
N GLY D 53 11.79 8.99 19.39
CA GLY D 53 12.26 7.68 19.84
C GLY D 53 11.15 6.75 20.31
N THR D 54 9.96 7.30 20.50
CA THR D 54 8.82 6.51 20.91
C THR D 54 8.29 5.75 19.68
N ARG D 55 8.52 6.31 18.50
CA ARG D 55 8.08 5.71 17.24
C ARG D 55 8.67 4.31 17.13
N ILE D 56 9.91 4.16 17.57
CA ILE D 56 10.56 2.86 17.54
C ILE D 56 10.45 2.15 18.89
N LEU D 57 9.26 2.16 19.46
CA LEU D 57 9.00 1.50 20.74
C LEU D 57 8.94 -0.01 20.51
N GLU D 58 8.05 -0.42 19.60
CA GLU D 58 7.83 -1.81 19.25
C GLU D 58 9.08 -2.66 18.99
N PHE D 59 10.10 -2.08 18.38
CA PHE D 59 11.32 -2.83 18.09
C PHE D 59 12.12 -3.37 19.25
N TYR D 60 11.59 -3.28 20.47
CA TYR D 60 12.30 -3.80 21.65
C TYR D 60 11.57 -5.01 22.25
N LYS D 61 10.29 -5.13 21.93
CA LYS D 61 9.48 -6.23 22.43
C LYS D 61 10.13 -7.58 22.12
N ASP D 62 10.93 -7.60 21.06
CA ASP D 62 11.60 -8.82 20.59
C ASP D 62 12.79 -9.27 21.46
N LEU D 63 13.70 -8.33 21.74
CA LEU D 63 14.90 -8.60 22.53
C LEU D 63 14.68 -9.53 23.71
N LYS D 64 15.72 -10.29 24.02
CA LYS D 64 15.67 -11.27 25.11
C LYS D 64 16.04 -10.56 26.40
N LYS D 65 15.41 -10.96 27.50
CA LYS D 65 15.68 -10.33 28.79
C LYS D 65 16.56 -11.16 29.73
N VAL D 66 17.02 -10.51 30.79
CA VAL D 66 17.85 -11.14 31.81
C VAL D 66 17.36 -10.73 33.21
N TYR D 67 17.15 -11.72 34.08
CA TYR D 67 16.70 -11.46 35.45
C TYR D 67 17.58 -12.19 36.47
N GLY D 108 14.79 -24.37 30.23
CA GLY D 108 13.48 -24.98 30.04
C GLY D 108 12.85 -24.66 28.70
N GLU D 109 11.55 -24.97 28.57
CA GLU D 109 10.80 -24.71 27.34
C GLU D 109 9.32 -24.98 27.62
N TYR D 110 8.90 -24.69 28.85
CA TYR D 110 7.52 -24.90 29.25
C TYR D 110 6.63 -23.75 28.79
N ASP D 111 5.33 -23.90 28.98
CA ASP D 111 4.35 -22.89 28.58
C ASP D 111 3.59 -22.41 29.83
N GLN D 112 4.16 -21.44 30.51
CA GLN D 112 3.52 -20.92 31.71
C GLN D 112 2.23 -20.22 31.34
N VAL D 113 1.35 -20.08 32.33
CA VAL D 113 0.08 -19.41 32.17
C VAL D 113 0.17 -18.01 32.78
N PRO D 114 -0.26 -16.98 32.04
CA PRO D 114 -0.19 -15.61 32.56
C PRO D 114 -0.86 -15.49 33.94
N PRO D 115 -0.16 -14.87 34.91
CA PRO D 115 -0.73 -14.72 36.24
C PRO D 115 -2.01 -13.87 36.22
N ALA D 116 -2.92 -14.16 37.15
CA ALA D 116 -4.20 -13.46 37.25
C ALA D 116 -4.09 -11.97 36.92
N TYR D 117 -3.10 -11.32 37.51
CA TYR D 117 -2.88 -9.90 37.31
C TYR D 117 -1.89 -9.70 36.17
N SER D 118 -2.41 -9.33 35.00
CA SER D 118 -1.57 -9.09 33.83
C SER D 118 -2.15 -8.03 32.90
N ALA D 119 -1.32 -7.52 31.99
CA ALA D 119 -1.74 -6.51 31.01
C ALA D 119 -2.53 -7.19 29.88
N LYS D 120 -2.59 -8.53 29.94
CA LYS D 120 -3.31 -9.33 28.96
C LYS D 120 -4.80 -9.02 29.09
N LYS D 121 -5.56 -9.29 28.03
CA LYS D 121 -7.00 -9.03 28.06
C LYS D 121 -7.79 -10.33 28.05
N TYR D 122 -9.11 -10.20 28.08
CA TYR D 122 -10.01 -11.36 28.07
C TYR D 122 -11.30 -11.07 27.31
N LYS D 123 -11.94 -9.95 27.62
CA LYS D 123 -13.18 -9.56 26.95
C LYS D 123 -13.24 -8.05 26.81
N GLY D 124 -12.15 -7.47 26.32
CA GLY D 124 -12.09 -6.03 26.15
C GLY D 124 -11.52 -5.37 27.39
N GLU D 125 -11.47 -6.11 28.48
CA GLU D 125 -10.95 -5.61 29.75
C GLU D 125 -9.50 -6.04 29.94
N ARG D 126 -8.86 -5.49 30.96
CA ARG D 126 -7.47 -5.83 31.28
C ARG D 126 -7.46 -6.77 32.49
N LEU D 127 -6.62 -7.80 32.44
CA LEU D 127 -6.54 -8.77 33.52
C LEU D 127 -6.40 -8.20 34.93
N TYR D 128 -5.43 -7.32 35.13
CA TYR D 128 -5.23 -6.73 36.45
C TYR D 128 -6.45 -5.98 36.97
N LYS D 129 -7.33 -5.58 36.05
CA LYS D 129 -8.54 -4.85 36.44
C LYS D 129 -9.62 -5.83 36.92
N LEU D 130 -9.66 -7.00 36.31
CA LEU D 130 -10.63 -8.02 36.67
C LEU D 130 -10.18 -8.78 37.92
N ALA D 131 -8.91 -9.17 37.96
CA ALA D 131 -8.35 -9.91 39.10
C ALA D 131 -8.64 -9.12 40.38
N ARG D 132 -8.68 -7.80 40.25
CA ARG D 132 -8.97 -6.94 41.38
C ARG D 132 -10.47 -6.78 41.55
N GLU D 133 -11.22 -6.69 40.45
CA GLU D 133 -12.66 -6.56 40.56
C GLU D 133 -13.26 -7.85 41.08
N GLY D 134 -12.42 -8.88 41.20
CA GLY D 134 -12.88 -10.16 41.72
C GLY D 134 -12.53 -11.43 40.93
N LYS D 135 -12.89 -11.44 39.64
CA LYS D 135 -12.66 -12.61 38.78
C LYS D 135 -11.19 -12.90 38.47
N ILE D 136 -10.60 -13.85 39.18
CA ILE D 136 -9.22 -14.23 38.94
C ILE D 136 -9.21 -15.17 37.73
N ILE D 137 -9.02 -14.57 36.55
CA ILE D 137 -9.00 -15.31 35.29
C ILE D 137 -7.59 -15.65 34.80
N ASN D 138 -7.36 -16.92 34.46
CA ASN D 138 -6.08 -17.36 33.94
C ASN D 138 -6.28 -17.71 32.46
N LEU D 139 -5.23 -17.60 31.67
CA LEU D 139 -5.35 -17.85 30.23
C LEU D 139 -4.50 -18.97 29.64
N PRO D 140 -4.75 -19.31 28.35
CA PRO D 140 -4.03 -20.36 27.63
C PRO D 140 -2.55 -19.99 27.47
N PRO D 141 -1.64 -20.88 27.88
CA PRO D 141 -0.18 -20.68 27.81
C PRO D 141 0.39 -20.35 26.43
N LYS D 142 1.63 -19.84 26.44
CA LYS D 142 2.35 -19.47 25.22
C LYS D 142 3.76 -20.06 25.28
N ARG D 143 4.41 -20.15 24.12
CA ARG D 143 5.75 -20.72 24.04
C ARG D 143 6.79 -19.88 24.75
N VAL D 144 6.77 -19.93 26.07
CA VAL D 144 7.72 -19.18 26.88
C VAL D 144 8.94 -20.03 27.23
N LYS D 145 10.02 -19.85 26.48
CA LYS D 145 11.25 -20.61 26.70
C LYS D 145 12.22 -20.00 27.69
N ILE D 146 13.29 -20.73 27.97
CA ILE D 146 14.34 -20.28 28.89
C ILE D 146 15.65 -20.51 28.17
N PHE D 147 16.59 -19.59 28.30
CA PHE D 147 17.86 -19.73 27.62
C PHE D 147 19.03 -20.05 28.54
N LYS D 148 18.85 -19.83 29.83
CA LYS D 148 19.90 -20.14 30.80
C LYS D 148 19.46 -19.77 32.20
N ILE D 149 20.00 -20.48 33.19
CA ILE D 149 19.68 -20.24 34.58
C ILE D 149 20.96 -20.04 35.38
N ARG D 162 20.02 -15.57 38.46
CA ARG D 162 20.16 -14.92 37.17
C ARG D 162 19.69 -15.86 36.06
N VAL D 163 18.82 -15.36 35.19
CA VAL D 163 18.28 -16.14 34.08
C VAL D 163 18.05 -15.27 32.84
N GLU D 164 18.09 -15.91 31.67
CA GLU D 164 17.83 -15.22 30.41
C GLU D 164 16.43 -15.68 30.04
N VAL D 165 15.68 -14.82 29.35
CA VAL D 165 14.32 -15.19 29.01
C VAL D 165 13.79 -14.58 27.72
N SER D 166 12.76 -15.24 27.17
CA SER D 166 12.10 -14.82 25.95
C SER D 166 11.00 -13.80 26.30
N PRO D 167 10.57 -13.00 25.30
CA PRO D 167 9.53 -11.98 25.50
C PRO D 167 8.19 -12.49 26.00
N GLY D 168 7.42 -11.61 26.64
CA GLY D 168 6.13 -11.99 27.15
C GLY D 168 6.16 -13.10 28.20
N THR D 169 7.36 -13.48 28.65
CA THR D 169 7.51 -14.53 29.65
C THR D 169 7.52 -13.99 31.08
N TYR D 170 6.38 -14.12 31.77
CA TYR D 170 6.25 -13.65 33.14
C TYR D 170 7.04 -14.57 34.08
N ILE D 171 8.15 -14.07 34.62
CA ILE D 171 8.96 -14.86 35.54
C ILE D 171 8.13 -15.33 36.74
N ARG D 172 7.10 -14.58 37.10
CA ARG D 172 6.23 -14.96 38.23
C ARG D 172 5.46 -16.23 37.90
N VAL D 192 15.35 -8.84 38.65
CA VAL D 192 16.00 -7.58 38.31
C VAL D 192 16.39 -7.56 36.83
N ARG D 193 15.57 -6.90 36.02
CA ARG D 193 15.83 -6.80 34.60
C ARG D 193 17.22 -6.24 34.38
N GLU D 194 18.20 -7.13 34.18
CA GLU D 194 19.57 -6.69 33.96
C GLU D 194 19.88 -6.35 32.50
N SER D 195 19.03 -6.80 31.57
CA SER D 195 19.27 -6.52 30.15
C SER D 195 18.11 -6.84 29.23
N VAL D 196 17.55 -5.80 28.58
CA VAL D 196 16.47 -5.97 27.62
C VAL D 196 17.16 -5.92 26.25
N GLY D 197 17.96 -6.95 25.98
CA GLY D 197 18.72 -7.02 24.75
C GLY D 197 20.13 -6.66 25.13
N PRO D 198 20.84 -5.86 24.33
CA PRO D 198 22.22 -5.50 24.67
C PRO D 198 22.29 -4.53 25.86
N HIS D 199 21.27 -3.68 25.99
CA HIS D 199 21.21 -2.69 27.06
C HIS D 199 21.34 -3.35 28.45
N THR D 200 22.50 -3.14 29.05
CA THR D 200 22.84 -3.70 30.36
C THR D 200 21.92 -3.26 31.49
N ILE D 201 22.51 -2.96 32.64
CA ILE D 201 21.77 -2.54 33.82
C ILE D 201 22.49 -1.41 34.55
N GLU D 202 23.81 -1.33 34.39
CA GLU D 202 24.58 -0.29 35.03
C GLU D 202 24.70 0.89 34.08
N GLU D 203 24.49 0.64 32.79
CA GLU D 203 24.55 1.69 31.78
C GLU D 203 23.23 2.48 31.86
N SER D 204 22.29 1.94 32.63
CA SER D 204 20.96 2.54 32.80
C SER D 204 21.03 3.94 33.41
N LEU D 205 19.93 4.36 34.02
CA LEU D 205 19.84 5.67 34.64
C LEU D 205 18.63 5.72 35.55
N ASN D 206 18.80 6.26 36.75
CA ASN D 206 17.71 6.40 37.69
C ASN D 206 17.12 7.80 37.58
N VAL D 207 16.11 7.91 36.73
CA VAL D 207 15.43 9.18 36.47
C VAL D 207 14.90 9.89 37.71
N PHE D 208 14.53 9.12 38.72
CA PHE D 208 14.00 9.71 39.95
C PHE D 208 15.09 10.37 40.79
N GLU D 209 16.25 10.58 40.20
CA GLU D 209 17.37 11.19 40.90
C GLU D 209 18.19 12.12 40.00
N ALA D 210 17.94 12.02 38.69
CA ALA D 210 18.64 12.83 37.69
C ALA D 210 17.93 14.15 37.39
N ALA D 211 18.63 15.04 36.73
CA ALA D 211 18.09 16.35 36.37
C ALA D 211 17.84 16.40 34.86
N PRO D 212 17.06 17.39 34.39
CA PRO D 212 16.75 17.55 32.98
C PRO D 212 17.95 17.40 32.03
N GLU D 213 19.08 17.97 32.42
CA GLU D 213 20.28 17.88 31.58
C GLU D 213 20.94 16.51 31.73
N GLU D 214 21.05 16.04 32.96
CA GLU D 214 21.66 14.74 33.24
C GLU D 214 20.99 13.63 32.46
N ILE D 215 19.68 13.76 32.30
CA ILE D 215 18.90 12.77 31.56
C ILE D 215 19.15 12.89 30.06
N GLU D 216 19.17 14.10 29.54
CA GLU D 216 19.40 14.31 28.11
C GLU D 216 20.70 13.68 27.64
N ASN D 217 21.69 13.65 28.52
CA ASN D 217 22.99 13.09 28.18
C ASN D 217 22.89 11.62 27.80
N ARG D 218 22.28 10.86 28.70
CA ARG D 218 22.12 9.42 28.52
C ARG D 218 21.14 8.97 27.44
N ILE D 219 20.77 9.86 26.53
CA ILE D 219 19.85 9.45 25.48
C ILE D 219 20.63 8.97 24.26
N ILE D 220 20.21 7.84 23.72
CA ILE D 220 20.84 7.27 22.54
C ILE D 220 20.14 7.91 21.35
N PRO D 221 20.87 8.73 20.58
CA PRO D 221 20.25 9.37 19.42
C PRO D 221 19.52 8.37 18.52
N LEU D 222 18.69 8.87 17.62
CA LEU D 222 17.96 7.99 16.70
C LEU D 222 18.93 7.19 15.81
N GLU D 223 20.15 7.69 15.64
CA GLU D 223 21.15 7.03 14.80
C GLU D 223 22.03 6.01 15.52
N LYS D 224 21.99 6.00 16.85
CA LYS D 224 22.79 5.08 17.66
C LYS D 224 21.96 3.96 18.29
N CYS D 225 20.68 3.90 17.93
CA CYS D 225 19.79 2.87 18.47
C CYS D 225 19.73 1.63 17.58
N LEU D 226 19.35 0.51 18.18
CA LEU D 226 19.24 -0.75 17.44
C LEU D 226 20.57 -1.24 16.85
N GLU D 227 21.35 -1.96 17.66
CA GLU D 227 22.63 -2.50 17.20
C GLU D 227 22.29 -3.53 16.15
N TRP D 228 21.38 -4.43 16.52
CA TRP D 228 20.93 -5.47 15.62
C TRP D 228 20.28 -4.74 14.44
N LEU D 229 19.77 -5.48 13.47
CA LEU D 229 19.14 -4.87 12.30
C LEU D 229 20.22 -4.19 11.47
N PRO D 230 20.42 -4.69 10.24
CA PRO D 230 21.43 -4.14 9.34
C PRO D 230 21.38 -2.62 9.22
N ARG D 231 22.41 -2.07 8.60
CA ARG D 231 22.52 -0.63 8.41
C ARG D 231 22.93 -0.25 6.98
N VAL D 232 22.06 -0.53 6.02
CA VAL D 232 22.32 -0.21 4.62
C VAL D 232 22.31 1.31 4.45
N VAL D 233 23.19 1.82 3.60
CA VAL D 233 23.25 3.26 3.36
C VAL D 233 23.21 3.62 1.88
N VAL D 234 22.20 4.38 1.48
CA VAL D 234 22.04 4.79 0.09
C VAL D 234 23.02 5.91 -0.20
N HIS D 235 22.90 6.50 -1.39
CA HIS D 235 23.76 7.60 -1.80
C HIS D 235 23.15 8.88 -1.23
N GLN D 236 23.99 9.86 -0.94
CA GLN D 236 23.54 11.13 -0.37
C GLN D 236 22.52 11.84 -1.26
N GLU D 237 22.25 11.28 -2.43
CA GLU D 237 21.30 11.86 -3.39
C GLU D 237 19.86 11.51 -3.06
N SER D 238 19.62 10.26 -2.66
CA SER D 238 18.28 9.78 -2.33
C SER D 238 17.79 10.20 -0.95
N THR D 239 18.51 11.10 -0.27
CA THR D 239 18.11 11.54 1.07
C THR D 239 16.87 12.42 1.00
N LYS D 240 16.55 12.89 -0.20
CA LYS D 240 15.40 13.75 -0.40
C LYS D 240 14.24 12.96 -1.00
N MET D 241 14.41 11.66 -1.13
CA MET D 241 13.37 10.81 -1.70
C MET D 241 12.62 10.01 -0.63
N ILE D 242 13.32 9.12 0.06
CA ILE D 242 12.71 8.28 1.09
C ILE D 242 12.01 9.13 2.14
N LEU D 243 12.57 10.30 2.42
CA LEU D 243 12.00 11.19 3.41
C LEU D 243 10.93 12.09 2.80
N ASN D 244 10.06 11.49 2.01
CA ASN D 244 9.00 12.23 1.35
C ASN D 244 8.02 11.26 0.72
N GLY D 245 8.40 9.98 0.76
CA GLY D 245 7.58 8.94 0.19
C GLY D 245 8.47 7.97 -0.57
N SER D 246 8.02 7.50 -1.73
CA SER D 246 8.81 6.57 -2.53
C SER D 246 9.21 5.36 -1.68
N GLN D 247 10.27 4.68 -2.11
CA GLN D 247 10.75 3.50 -1.39
C GLN D 247 12.28 3.41 -1.53
N ILE D 248 12.85 2.26 -1.18
CA ILE D 248 14.29 2.04 -1.26
C ILE D 248 14.59 0.91 -2.24
N HIS D 249 15.27 1.23 -3.34
CA HIS D 249 15.62 0.21 -4.33
C HIS D 249 17.13 0.09 -4.56
N LEU D 250 17.52 -0.90 -5.37
CA LEU D 250 18.91 -1.19 -5.70
C LEU D 250 19.73 -0.06 -6.31
N GLU D 251 19.07 0.87 -7.00
CA GLU D 251 19.76 1.99 -7.63
C GLU D 251 19.96 3.14 -6.64
N MET D 252 19.99 2.79 -5.35
CA MET D 252 20.18 3.76 -4.29
C MET D 252 21.20 3.20 -3.30
N LEU D 253 20.95 1.98 -2.85
CA LEU D 253 21.83 1.31 -1.90
C LEU D 253 23.30 1.46 -2.27
N LYS D 254 24.13 1.72 -1.27
CA LYS D 254 25.57 1.86 -1.46
C LYS D 254 26.26 0.78 -0.63
N GLU D 255 25.72 0.53 0.57
CA GLU D 255 26.24 -0.50 1.47
C GLU D 255 25.19 -1.59 1.62
N TRP D 256 25.65 -2.82 1.79
CA TRP D 256 24.74 -3.95 1.93
C TRP D 256 24.53 -4.42 3.37
N ASP D 257 25.61 -4.84 4.01
CA ASP D 257 25.54 -5.36 5.37
C ASP D 257 24.72 -6.65 5.33
N GLY D 258 24.36 -7.06 4.12
CA GLY D 258 23.61 -8.29 3.89
C GLY D 258 22.25 -8.41 4.53
N PHE D 259 21.19 -8.34 3.72
CA PHE D 259 19.83 -8.44 4.24
C PHE D 259 19.56 -9.88 4.64
N LYS D 260 18.31 -10.27 4.47
CA LYS D 260 17.84 -11.62 4.75
C LYS D 260 16.50 -11.71 4.00
N LYS D 261 15.43 -11.23 4.63
CA LYS D 261 14.11 -11.23 4.02
C LYS D 261 13.17 -10.40 4.88
N GLY D 262 12.37 -11.07 5.70
CA GLY D 262 11.44 -10.35 6.57
C GLY D 262 12.18 -9.64 7.70
N GLU D 263 13.44 -9.33 7.46
CA GLU D 263 14.30 -8.67 8.43
C GLU D 263 14.17 -7.16 8.27
N VAL D 264 14.41 -6.43 9.35
CA VAL D 264 14.32 -4.97 9.32
C VAL D 264 15.71 -4.34 9.20
N VAL D 265 15.80 -3.24 8.46
CA VAL D 265 17.10 -2.58 8.29
C VAL D 265 17.01 -1.08 8.51
N ARG D 266 18.15 -0.43 8.69
CA ARG D 266 18.22 1.01 8.91
C ARG D 266 18.82 1.73 7.71
N VAL D 267 18.00 2.50 7.00
CA VAL D 267 18.46 3.23 5.81
C VAL D 267 19.06 4.60 6.10
N PHE D 268 20.38 4.66 6.12
CA PHE D 268 21.10 5.91 6.35
C PHE D 268 21.42 6.59 5.02
N ASN D 269 21.96 7.81 5.12
CA ASN D 269 22.40 8.57 3.96
C ASN D 269 23.92 8.50 4.09
N GLU D 270 24.65 9.00 3.09
CA GLU D 270 26.10 8.93 3.17
C GLU D 270 26.70 9.67 4.38
N GLU D 271 25.94 10.62 4.93
CA GLU D 271 26.43 11.39 6.08
C GLU D 271 26.44 10.55 7.35
N GLY D 272 25.33 9.87 7.62
CA GLY D 272 25.22 9.03 8.81
C GLY D 272 23.90 9.24 9.54
N ARG D 273 22.99 9.96 8.90
CA ARG D 273 21.66 10.27 9.43
C ARG D 273 20.66 9.17 9.11
N LEU D 274 19.94 8.70 10.13
CA LEU D 274 18.94 7.65 9.91
C LEU D 274 17.75 8.23 9.14
N LEU D 275 17.59 7.80 7.90
CA LEU D 275 16.50 8.26 7.04
C LEU D 275 15.18 7.53 7.28
N ALA D 276 15.19 6.19 7.14
CA ALA D 276 13.98 5.40 7.34
C ALA D 276 14.25 3.91 7.56
N LEU D 277 13.48 3.31 8.47
CA LEU D 277 13.59 1.89 8.78
C LEU D 277 12.88 1.13 7.66
N ALA D 278 13.57 0.19 7.04
CA ALA D 278 13.00 -0.55 5.94
C ALA D 278 12.94 -2.06 6.18
N GLU D 279 12.38 -2.76 5.22
CA GLU D 279 12.23 -4.21 5.27
C GLU D 279 12.83 -4.78 3.98
N ALA D 280 13.53 -5.90 4.12
CA ALA D 280 14.17 -6.55 2.97
C ALA D 280 13.18 -7.30 2.11
N GLU D 281 12.97 -6.81 0.90
CA GLU D 281 12.04 -7.45 -0.03
C GLU D 281 12.74 -8.56 -0.83
N ARG D 282 14.07 -8.56 -0.79
CA ARG D 282 14.89 -9.55 -1.48
C ARG D 282 16.11 -9.85 -0.61
N ASN D 283 17.30 -9.81 -1.20
CA ASN D 283 18.54 -10.06 -0.47
C ASN D 283 19.70 -9.21 -1.00
N ARG D 303 8.39 2.32 4.27
CA ARG D 303 7.73 1.89 5.50
C ARG D 303 7.67 3.03 6.51
N LYS D 304 8.55 3.03 7.50
CA LYS D 304 8.61 4.08 8.52
C LYS D 304 9.55 5.21 8.05
N VAL D 305 9.42 6.39 8.61
CA VAL D 305 10.28 7.49 8.19
C VAL D 305 10.56 8.41 9.36
N PHE D 306 11.73 9.05 9.37
CA PHE D 306 12.10 9.98 10.44
C PHE D 306 12.44 11.39 9.93
N GLN D 307 11.74 12.39 10.46
CA GLN D 307 11.94 13.80 10.09
C GLN D 307 11.94 14.63 11.37
N THR D 308 12.81 14.26 12.29
CA THR D 308 12.94 14.93 13.57
C THR D 308 13.04 16.44 13.41
#